data_4PUZ
#
_entry.id   4PUZ
#
_cell.length_a   39.882
_cell.length_b   41.877
_cell.length_c   87.405
_cell.angle_alpha   98.67
_cell.angle_beta   90.43
_cell.angle_gamma   101.38
#
_symmetry.space_group_name_H-M   'P 1'
#
loop_
_entity.id
_entity.type
_entity.pdbx_description
1 polymer 'Tyrosine-protein kinase SYK'
2 non-polymer 6-(1H-indazol-6-yl)-N-[4-(morpholin-4-yl)phenyl]imidazo[1,2-a]pyrazin-8-amine
3 water water
#
_entity_poly.entity_id   1
_entity_poly.type   'polypeptide(L)'
_entity_poly.pdbx_seq_one_letter_code
;MALEEIRPKEVYLDRKLLTLEDKELGSGNFGTVKKGYYQMKKVVKTVAVKILKNEANDPALKDELLAEANVMQQLDNPYI
VRMIGICEAESWMLVMEMAELGPLNKYLQQNRHVKDKNIIELVHQVSMGMKYLEESNFVHRDLAARNVLLVTQHYAKISD
FGLSKALRADENYYKAQTHGKWPVKWYAPECINYYKFSSKSDVWSFGVLMWEAFSYGQKPYRGMKGSEVTAMLEKGERMG
CPAGCPREMYDLMNLCWTYDVENRPGFAAVELRLRNYYYDVVNEGHHHHHH
;
_entity_poly.pdbx_strand_id   A,B
#
loop_
_chem_comp.id
_chem_comp.type
_chem_comp.name
_chem_comp.formula
CG9 non-polymer 6-(1H-indazol-6-yl)-N-[4-(morpholin-4-yl)phenyl]imidazo[1,2-a]pyrazin-8-amine 'C23 H21 N7 O'
#
# COMPACT_ATOMS: atom_id res chain seq x y z
N VAL A 11 2.50 5.74 43.73
CA VAL A 11 3.27 6.06 42.53
C VAL A 11 3.79 7.50 42.57
N TYR A 12 3.61 8.15 43.71
CA TYR A 12 4.08 9.52 43.85
C TYR A 12 5.40 9.63 44.59
N LEU A 13 6.18 10.64 44.23
CA LEU A 13 7.56 10.71 44.67
C LEU A 13 7.84 11.95 45.50
N ASP A 14 8.90 11.88 46.29
CA ASP A 14 9.27 12.94 47.21
C ASP A 14 10.28 13.86 46.55
N ARG A 15 9.87 15.11 46.33
CA ARG A 15 10.74 16.05 45.67
C ARG A 15 12.12 16.06 46.31
N LYS A 16 12.15 16.08 47.65
CA LYS A 16 13.43 16.23 48.37
C LYS A 16 14.39 15.09 48.02
N LEU A 17 13.83 13.94 47.68
CA LEU A 17 14.63 12.77 47.34
C LEU A 17 15.17 12.84 45.92
N LEU A 18 14.95 13.97 45.24
CA LEU A 18 15.25 14.10 43.82
C LEU A 18 16.13 15.30 43.53
N THR A 19 17.27 15.08 42.90
CA THR A 19 18.12 16.19 42.48
C THR A 19 18.22 16.30 40.95
N LEU A 20 18.20 17.54 40.45
CA LEU A 20 18.25 17.77 39.01
C LEU A 20 19.51 18.50 38.52
N GLU A 21 20.33 17.83 37.71
CA GLU A 21 21.44 18.51 37.07
C GLU A 21 20.96 19.62 36.13
N ASP A 22 21.77 20.65 35.98
CA ASP A 22 21.41 21.83 35.19
C ASP A 22 21.51 21.63 33.68
N LYS A 23 22.34 20.68 33.25
CA LYS A 23 22.44 20.31 31.85
C LYS A 23 21.13 19.73 31.32
N GLU A 24 20.32 20.58 30.69
CA GLU A 24 19.09 20.10 30.11
C GLU A 24 19.43 19.01 29.10
N LEU A 25 18.65 17.94 29.11
CA LEU A 25 18.94 16.77 28.29
C LEU A 25 18.35 16.95 26.90
N GLY A 26 17.33 17.77 26.80
CA GLY A 26 16.64 17.94 25.54
C GLY A 26 15.41 18.76 25.74
N SER A 27 14.62 18.90 24.69
CA SER A 27 13.46 19.77 24.75
C SER A 27 12.35 19.31 23.83
N GLY A 28 11.12 19.69 24.18
CA GLY A 28 9.94 19.32 23.43
C GLY A 28 8.85 20.29 23.84
N ASN A 29 7.63 20.08 23.38
CA ASN A 29 6.59 21.06 23.61
C ASN A 29 6.20 21.15 25.08
N PHE A 30 6.12 20.00 25.73
CA PHE A 30 5.75 19.94 27.13
C PHE A 30 6.67 20.81 28.00
N GLY A 31 7.92 20.98 27.57
CA GLY A 31 8.93 21.65 28.36
C GLY A 31 10.33 21.09 28.16
N THR A 32 11.00 20.71 29.25
CA THR A 32 12.33 20.14 29.12
C THR A 32 12.53 18.82 29.86
N VAL A 33 13.66 18.20 29.55
CA VAL A 33 14.02 16.94 30.16
C VAL A 33 15.39 17.13 30.76
N LYS A 34 15.54 16.81 32.03
CA LYS A 34 16.83 16.94 32.67
C LYS A 34 17.29 15.62 33.26
N LYS A 35 18.61 15.44 33.30
CA LYS A 35 19.21 14.36 34.04
C LYS A 35 19.02 14.68 35.50
N GLY A 36 18.93 13.64 36.33
CA GLY A 36 18.70 13.82 37.74
C GLY A 36 19.03 12.54 38.45
N TYR A 37 18.90 12.55 39.78
CA TYR A 37 19.20 11.35 40.55
C TYR A 37 18.09 11.20 41.58
N TYR A 38 17.52 10.00 41.70
CA TYR A 38 16.48 9.79 42.70
C TYR A 38 16.90 8.76 43.75
N GLN A 39 16.85 9.19 45.00
CA GLN A 39 17.31 8.37 46.11
C GLN A 39 16.28 7.26 46.37
N MET A 40 16.68 6.02 46.11
CA MET A 40 15.76 4.87 46.18
C MET A 40 15.75 4.32 47.59
N LYS A 41 15.42 3.04 47.71
CA LYS A 41 15.44 2.38 48.99
C LYS A 41 16.76 2.71 49.66
N LYS A 42 17.84 2.18 49.08
CA LYS A 42 19.17 2.36 49.65
C LYS A 42 20.15 3.07 48.70
N VAL A 43 20.05 2.74 47.40
CA VAL A 43 20.92 3.32 46.39
C VAL A 43 20.25 4.49 45.69
N VAL A 44 21.01 5.24 44.91
CA VAL A 44 20.45 6.33 44.09
C VAL A 44 20.30 5.86 42.64
N LYS A 45 19.23 6.31 42.00
CA LYS A 45 18.99 5.98 40.60
C LYS A 45 19.22 7.18 39.71
N THR A 46 20.01 6.98 38.65
CA THR A 46 20.14 8.00 37.62
C THR A 46 18.86 8.04 36.79
N VAL A 47 18.24 9.20 36.73
CA VAL A 47 16.96 9.33 36.06
C VAL A 47 16.98 10.46 35.02
N ALA A 48 16.06 10.39 34.08
CA ALA A 48 15.79 11.47 33.14
C ALA A 48 14.40 11.90 33.46
N VAL A 49 14.21 13.21 33.52
CA VAL A 49 12.98 13.75 34.08
C VAL A 49 12.34 14.77 33.15
N LYS A 50 11.14 14.44 32.65
CA LYS A 50 10.35 15.38 31.86
C LYS A 50 9.75 16.44 32.77
N ILE A 51 10.14 17.69 32.56
CA ILE A 51 9.62 18.77 33.39
C ILE A 51 8.68 19.65 32.59
N LEU A 52 7.42 19.59 32.98
CA LEU A 52 6.34 20.30 32.34
C LEU A 52 6.36 21.81 32.60
N LYS A 53 6.68 22.60 31.56
CA LYS A 53 6.46 24.03 31.61
C LYS A 53 5.23 24.36 32.46
N PRO A 59 -1.21 24.31 28.23
CA PRO A 59 -2.43 24.62 28.98
C PRO A 59 -3.38 23.43 28.88
N ALA A 60 -2.81 22.26 29.16
CA ALA A 60 -3.44 20.95 28.97
C ALA A 60 -2.33 19.91 28.87
N LEU A 61 -1.11 20.37 28.60
CA LEU A 61 0.05 19.49 28.46
C LEU A 61 0.15 18.56 29.65
N LYS A 62 -0.39 19.01 30.77
CA LYS A 62 -0.45 18.23 31.99
C LYS A 62 -1.13 16.89 31.75
N ASP A 63 -2.35 16.95 31.22
CA ASP A 63 -3.16 15.76 30.96
C ASP A 63 -2.43 14.79 30.04
N GLU A 64 -1.84 15.33 28.99
CA GLU A 64 -1.01 14.55 28.10
C GLU A 64 0.10 13.84 28.90
N LEU A 65 0.69 14.55 29.85
CA LEU A 65 1.81 14.01 30.63
C LEU A 65 1.35 12.87 31.53
N LEU A 66 0.23 13.08 32.20
CA LEU A 66 -0.35 12.05 33.05
C LEU A 66 -0.85 10.89 32.21
N ALA A 67 -1.28 11.19 30.99
CA ALA A 67 -1.69 10.13 30.08
C ALA A 67 -0.48 9.28 29.78
N GLU A 68 0.65 9.93 29.54
CA GLU A 68 1.91 9.25 29.28
C GLU A 68 2.34 8.41 30.46
N ALA A 69 2.14 8.92 31.67
CA ALA A 69 2.48 8.18 32.88
C ALA A 69 1.55 6.99 33.10
N ASN A 70 0.26 7.20 32.88
CA ASN A 70 -0.73 6.12 32.93
C ASN A 70 -0.33 4.96 32.05
N VAL A 71 -0.06 5.24 30.78
CA VAL A 71 0.43 4.22 29.89
C VAL A 71 1.71 3.59 30.47
N MET A 72 2.69 4.42 30.80
CA MET A 72 4.00 3.91 31.23
C MET A 72 3.88 3.05 32.47
N GLN A 73 2.92 3.39 33.30
CA GLN A 73 2.65 2.64 34.53
C GLN A 73 2.22 1.19 34.27
N GLN A 74 1.58 0.91 33.15
CA GLN A 74 1.10 -0.45 32.94
C GLN A 74 2.07 -1.27 32.10
N LEU A 75 3.10 -0.63 31.58
CA LEU A 75 4.04 -1.32 30.73
C LEU A 75 5.17 -1.89 31.55
N ASP A 76 5.35 -3.20 31.47
CA ASP A 76 6.44 -3.89 32.14
C ASP A 76 7.11 -4.81 31.14
N ASN A 77 8.26 -4.37 30.62
CA ASN A 77 8.95 -5.06 29.52
C ASN A 77 10.34 -4.48 29.38
N PRO A 78 11.33 -5.34 29.07
CA PRO A 78 12.76 -4.99 29.05
C PRO A 78 13.11 -4.00 27.96
N TYR A 79 12.20 -3.76 27.03
CA TYR A 79 12.53 -2.89 25.88
C TYR A 79 11.66 -1.64 25.81
N ILE A 80 11.08 -1.31 26.97
CA ILE A 80 10.29 -0.11 27.14
C ILE A 80 10.83 0.65 28.35
N VAL A 81 11.11 1.93 28.18
CA VAL A 81 11.66 2.74 29.27
C VAL A 81 10.77 2.60 30.50
N ARG A 82 11.38 2.40 31.67
CA ARG A 82 10.63 2.31 32.91
C ARG A 82 10.45 3.69 33.58
N MET A 83 9.27 3.92 34.11
CA MET A 83 8.94 5.16 34.80
C MET A 83 9.12 4.93 36.29
N ILE A 84 9.85 5.80 36.97
CA ILE A 84 9.96 5.68 38.42
C ILE A 84 8.70 6.23 39.06
N GLY A 85 8.30 7.43 38.69
CA GLY A 85 7.06 7.96 39.20
C GLY A 85 6.80 9.35 38.71
N ILE A 86 5.86 10.02 39.37
CA ILE A 86 5.56 11.42 39.10
C ILE A 86 5.83 12.23 40.35
N CYS A 87 6.12 13.52 40.18
CA CYS A 87 6.41 14.39 41.29
C CYS A 87 5.62 15.68 41.18
N GLU A 88 4.62 15.85 42.03
CA GLU A 88 3.95 17.14 42.15
C GLU A 88 4.89 18.07 42.91
N ALA A 89 5.92 18.55 42.23
CA ALA A 89 6.83 19.49 42.83
C ALA A 89 6.56 20.86 42.22
N GLU A 90 7.61 21.62 41.93
CA GLU A 90 7.46 22.98 41.44
C GLU A 90 6.67 23.01 40.13
N SER A 91 7.11 22.21 39.15
CA SER A 91 6.29 21.95 37.98
C SER A 91 5.96 20.47 38.09
N TRP A 92 5.15 19.95 37.16
CA TRP A 92 4.90 18.52 37.13
C TRP A 92 6.13 17.85 36.56
N MET A 93 6.46 16.67 37.08
CA MET A 93 7.63 15.97 36.61
C MET A 93 7.30 14.51 36.39
N LEU A 94 7.80 13.98 35.28
CA LEU A 94 7.70 12.56 35.02
C LEU A 94 9.11 11.95 35.07
N VAL A 95 9.34 11.10 36.06
CA VAL A 95 10.69 10.60 36.30
C VAL A 95 10.88 9.20 35.74
N MET A 96 11.82 9.06 34.81
CA MET A 96 12.06 7.77 34.19
C MET A 96 13.49 7.30 34.43
N GLU A 97 13.68 6.00 34.36
CA GLU A 97 15.01 5.46 34.47
C GLU A 97 15.84 5.89 33.27
N MET A 98 17.09 6.26 33.52
CA MET A 98 17.92 6.94 32.53
C MET A 98 18.49 5.97 31.49
N ALA A 99 18.28 6.31 30.22
CA ALA A 99 18.96 5.65 29.11
C ALA A 99 20.01 6.65 28.66
N GLU A 100 21.26 6.33 28.96
CA GLU A 100 22.31 7.35 29.00
C GLU A 100 22.87 7.77 27.65
N LEU A 101 23.03 6.81 26.74
CA LEU A 101 23.46 7.10 25.37
C LEU A 101 22.45 7.94 24.57
N GLY A 102 21.19 7.98 25.01
CA GLY A 102 20.19 8.83 24.37
C GLY A 102 19.55 8.31 23.08
N PRO A 103 18.86 9.21 22.37
CA PRO A 103 18.12 8.88 21.15
C PRO A 103 18.96 8.21 20.04
N LEU A 104 18.36 7.21 19.42
CA LEU A 104 19.05 6.38 18.42
C LEU A 104 19.49 7.13 17.16
N ASN A 105 18.74 8.15 16.75
CA ASN A 105 19.15 8.92 15.59
C ASN A 105 20.42 9.72 15.85
N LYS A 106 20.37 10.60 16.86
CA LYS A 106 21.50 11.46 17.23
C LYS A 106 22.76 10.63 17.47
N TYR A 107 22.57 9.45 18.02
CA TYR A 107 23.70 8.58 18.30
C TYR A 107 24.40 8.09 17.04
N LEU A 108 23.62 7.56 16.11
CA LEU A 108 24.19 7.03 14.87
C LEU A 108 24.70 8.18 14.01
N GLN A 109 24.13 9.36 14.21
CA GLN A 109 24.55 10.56 13.51
C GLN A 109 26.00 10.89 13.80
N GLN A 110 26.55 10.29 14.86
CA GLN A 110 27.93 10.53 15.23
C GLN A 110 28.64 9.26 15.69
N ASN A 111 28.15 8.13 15.22
CA ASN A 111 28.85 6.88 15.38
C ASN A 111 28.83 6.13 14.04
N ARG A 112 28.99 6.93 12.97
CA ARG A 112 28.96 6.44 11.60
C ARG A 112 29.48 5.02 11.53
N HIS A 113 30.61 4.80 12.16
CA HIS A 113 31.32 3.55 11.96
C HIS A 113 30.90 2.48 12.95
N VAL A 114 29.59 2.40 13.20
CA VAL A 114 29.02 1.31 13.97
C VAL A 114 28.64 0.19 13.02
N LYS A 115 29.05 -1.03 13.33
CA LYS A 115 28.72 -2.18 12.49
C LYS A 115 27.27 -2.08 12.08
N ASP A 116 26.86 -2.92 11.13
CA ASP A 116 25.47 -2.97 10.71
C ASP A 116 24.76 -4.13 11.41
N LYS A 117 25.53 -5.15 11.79
CA LYS A 117 24.97 -6.30 12.48
C LYS A 117 24.51 -5.87 13.87
N ASN A 118 25.05 -4.74 14.32
CA ASN A 118 24.69 -4.22 15.62
C ASN A 118 23.32 -3.59 15.53
N ILE A 119 22.96 -3.14 14.33
CA ILE A 119 21.72 -2.43 14.12
C ILE A 119 20.57 -3.39 14.05
N ILE A 120 20.83 -4.57 13.49
CA ILE A 120 19.79 -5.58 13.43
C ILE A 120 19.37 -5.85 14.88
N GLU A 121 20.34 -6.23 15.72
CA GLU A 121 20.07 -6.56 17.11
C GLU A 121 19.28 -5.44 17.78
N LEU A 122 19.62 -4.20 17.46
CA LEU A 122 18.89 -3.05 18.01
C LEU A 122 17.43 -2.94 17.53
N VAL A 123 17.21 -3.00 16.23
CA VAL A 123 15.85 -2.86 15.71
C VAL A 123 14.99 -4.05 16.10
N HIS A 124 15.61 -5.20 16.35
CA HIS A 124 14.89 -6.36 16.86
C HIS A 124 14.30 -6.08 18.23
N GLN A 125 15.16 -5.68 19.15
CA GLN A 125 14.75 -5.22 20.48
C GLN A 125 13.58 -4.24 20.37
N VAL A 126 13.70 -3.25 19.50
CA VAL A 126 12.57 -2.36 19.25
C VAL A 126 11.31 -3.17 18.94
N SER A 127 11.46 -4.15 18.06
CA SER A 127 10.32 -4.93 17.59
C SER A 127 9.76 -5.83 18.69
N MET A 128 10.63 -6.31 19.57
CA MET A 128 10.20 -7.09 20.71
C MET A 128 9.40 -6.22 21.67
N GLY A 129 9.92 -5.04 21.99
CA GLY A 129 9.16 -4.05 22.74
C GLY A 129 7.85 -3.70 22.05
N MET A 130 7.85 -3.59 20.71
CA MET A 130 6.66 -3.19 19.99
C MET A 130 5.63 -4.32 19.92
N LYS A 131 6.10 -5.56 19.77
CA LYS A 131 5.23 -6.73 19.94
C LYS A 131 4.46 -6.70 21.26
N TYR A 132 5.22 -6.61 22.35
CA TYR A 132 4.67 -6.48 23.69
C TYR A 132 3.57 -5.43 23.71
N LEU A 133 3.81 -4.31 23.03
CA LEU A 133 2.89 -3.19 23.04
C LEU A 133 1.65 -3.56 22.23
N GLU A 134 1.86 -4.32 21.18
CA GLU A 134 0.75 -4.75 20.32
C GLU A 134 -0.15 -5.67 21.15
N GLU A 135 0.47 -6.72 21.70
CA GLU A 135 -0.25 -7.69 22.52
C GLU A 135 -0.97 -7.04 23.67
N SER A 136 -0.37 -5.98 24.21
CA SER A 136 -0.99 -5.24 25.30
C SER A 136 -2.11 -4.37 24.78
N ASN A 137 -2.31 -4.39 23.46
CA ASN A 137 -3.30 -3.55 22.79
C ASN A 137 -3.12 -2.05 23.07
N PHE A 138 -1.87 -1.61 23.14
CA PHE A 138 -1.56 -0.19 23.20
C PHE A 138 -0.96 0.23 21.85
N VAL A 139 -1.32 1.41 21.37
CA VAL A 139 -0.68 1.95 20.14
C VAL A 139 0.21 3.14 20.49
N HIS A 140 1.43 3.13 19.97
CA HIS A 140 2.43 4.14 20.32
C HIS A 140 2.12 5.50 19.68
N ARG A 141 2.02 5.47 18.37
CA ARG A 141 1.60 6.62 17.56
C ARG A 141 2.70 7.67 17.35
N ASP A 142 3.91 7.39 17.82
CA ASP A 142 5.04 8.31 17.64
C ASP A 142 6.32 7.50 17.53
N LEU A 143 6.25 6.39 16.79
CA LEU A 143 7.37 5.47 16.69
C LEU A 143 8.38 6.00 15.68
N ALA A 144 9.60 6.31 16.15
CA ALA A 144 10.64 6.87 15.30
C ALA A 144 11.96 6.66 16.00
N ALA A 145 13.05 6.69 15.24
CA ALA A 145 14.36 6.43 15.83
C ALA A 145 14.67 7.37 17.01
N ARG A 146 14.15 8.60 16.95
CA ARG A 146 14.41 9.57 18.00
C ARG A 146 13.80 9.12 19.33
N ASN A 147 12.80 8.27 19.24
CA ASN A 147 12.10 7.76 20.41
C ASN A 147 12.57 6.37 20.81
N VAL A 148 13.70 5.99 20.22
CA VAL A 148 14.38 4.78 20.62
C VAL A 148 15.57 5.23 21.44
N LEU A 149 15.56 4.95 22.74
CA LEU A 149 16.68 5.38 23.59
C LEU A 149 17.70 4.27 23.87
N LEU A 150 18.98 4.61 23.86
CA LEU A 150 20.02 3.61 24.07
C LEU A 150 20.46 3.55 25.52
N VAL A 151 20.43 2.34 26.08
CA VAL A 151 20.96 2.08 27.41
C VAL A 151 22.46 1.85 27.27
N THR A 152 22.82 0.80 26.50
CA THR A 152 24.18 0.57 26.04
C THR A 152 24.17 0.63 24.51
N GLN A 153 25.33 0.51 23.88
CA GLN A 153 25.37 0.49 22.42
C GLN A 153 24.66 -0.75 21.88
N HIS A 154 24.32 -1.69 22.77
CA HIS A 154 23.65 -2.94 22.38
C HIS A 154 22.37 -3.16 23.16
N TYR A 155 21.69 -2.07 23.51
CA TYR A 155 20.46 -2.19 24.26
C TYR A 155 19.66 -0.91 24.05
N ALA A 156 18.47 -1.05 23.49
CA ALA A 156 17.64 0.10 23.21
C ALA A 156 16.27 -0.09 23.83
N LYS A 157 15.63 1.02 24.17
CA LYS A 157 14.27 0.97 24.66
C LYS A 157 13.45 2.04 23.96
N ILE A 158 12.15 1.81 23.94
CA ILE A 158 11.20 2.68 23.30
C ILE A 158 10.74 3.66 24.37
N SER A 159 10.58 4.93 23.98
CA SER A 159 10.14 5.94 24.94
C SER A 159 9.08 6.86 24.35
N ASP A 160 8.68 7.85 25.14
CA ASP A 160 7.77 8.90 24.69
C ASP A 160 6.40 8.33 24.32
N PHE A 161 5.61 8.03 25.36
CA PHE A 161 4.28 7.50 25.15
C PHE A 161 3.25 8.59 25.24
N GLY A 162 3.65 9.81 24.88
CA GLY A 162 2.78 10.98 24.99
C GLY A 162 1.55 10.91 24.07
N LEU A 163 1.71 10.28 22.91
CA LEU A 163 0.61 10.12 21.94
C LEU A 163 -0.09 8.77 22.07
N SER A 164 0.57 7.83 22.74
CA SER A 164 0.03 6.48 22.83
C SER A 164 -1.44 6.47 23.27
N LYS A 165 -2.09 5.34 23.07
CA LYS A 165 -3.48 5.12 23.47
C LYS A 165 -3.65 3.65 23.76
N ALA A 166 -4.42 3.34 24.79
CA ALA A 166 -4.82 1.96 25.04
C ALA A 166 -6.06 1.70 24.19
N LEU A 167 -6.05 0.58 23.47
CA LEU A 167 -7.15 0.27 22.55
C LEU A 167 -8.37 -0.29 23.28
N ARG A 168 -9.55 0.17 22.89
CA ARG A 168 -10.77 -0.44 23.38
C ARG A 168 -10.78 -1.92 23.12
N ALA A 169 -11.43 -2.67 24.02
CA ALA A 169 -11.42 -4.12 23.91
C ALA A 169 -12.16 -4.54 22.66
N ASP A 170 -13.01 -3.65 22.15
CA ASP A 170 -13.84 -3.99 20.99
C ASP A 170 -13.29 -3.56 19.62
N GLU A 171 -12.21 -2.77 19.61
CA GLU A 171 -11.64 -2.28 18.35
C GLU A 171 -10.13 -2.54 18.25
N ASN A 172 -9.62 -2.62 17.02
CA ASN A 172 -8.18 -2.78 16.83
C ASN A 172 -7.48 -1.50 16.38
N TYR A 173 -8.17 -0.37 16.51
CA TYR A 173 -7.59 0.90 16.11
C TYR A 173 -8.17 2.06 16.92
N TYR A 174 -7.42 3.15 17.03
CA TYR A 174 -7.85 4.39 17.70
C TYR A 174 -8.14 5.42 16.64
N LYS A 175 -9.18 6.24 16.83
CA LYS A 175 -9.50 7.22 15.80
C LYS A 175 -9.47 8.64 16.34
N ALA A 176 -8.64 9.49 15.72
CA ALA A 176 -8.52 10.87 16.15
C ALA A 176 -9.70 11.71 15.66
N GLN A 177 -9.93 12.85 16.32
CA GLN A 177 -11.03 13.72 15.94
C GLN A 177 -10.61 14.77 14.90
N LYS A 181 -1.07 17.98 15.24
CA LYS A 181 0.34 18.18 14.88
C LYS A 181 1.10 16.87 14.78
N TRP A 182 1.40 16.45 13.55
CA TRP A 182 1.79 15.06 13.34
C TRP A 182 3.13 14.81 12.68
N PRO A 183 3.83 13.79 13.17
CA PRO A 183 5.02 13.29 12.50
C PRO A 183 4.63 12.61 11.18
N VAL A 184 3.90 13.33 10.33
CA VAL A 184 3.50 12.84 9.00
C VAL A 184 4.44 11.83 8.31
N LYS A 185 5.74 12.10 8.36
CA LYS A 185 6.71 11.26 7.66
C LYS A 185 6.81 9.87 8.28
N TRP A 186 6.22 9.70 9.46
CA TRP A 186 6.24 8.40 10.15
C TRP A 186 4.90 7.70 10.10
N TYR A 187 3.88 8.42 9.63
CA TYR A 187 2.50 7.93 9.58
C TYR A 187 2.10 7.12 8.36
N ALA A 188 1.33 6.04 8.61
CA ALA A 188 0.81 5.21 7.53
C ALA A 188 -0.28 5.97 6.81
N PRO A 189 -0.59 5.58 5.57
CA PRO A 189 -1.59 6.24 4.72
C PRO A 189 -2.94 6.35 5.41
N GLU A 190 -3.33 5.29 6.11
CA GLU A 190 -4.65 5.27 6.73
C GLU A 190 -4.73 6.28 7.87
N CYS A 191 -3.62 6.51 8.59
CA CYS A 191 -3.61 7.48 9.68
C CYS A 191 -3.87 8.86 9.06
N ILE A 192 -3.31 9.07 7.89
CA ILE A 192 -3.42 10.36 7.23
C ILE A 192 -4.76 10.55 6.56
N ASN A 193 -5.23 9.49 5.90
CA ASN A 193 -6.51 9.52 5.18
C ASN A 193 -7.73 9.47 6.11
N TYR A 194 -7.72 8.52 7.05
CA TYR A 194 -8.88 8.29 7.90
C TYR A 194 -8.68 8.56 9.41
N TYR A 195 -7.48 8.95 9.79
CA TYR A 195 -7.17 9.21 11.21
C TYR A 195 -7.22 7.92 12.04
N LYS A 196 -6.82 6.82 11.44
CA LYS A 196 -6.95 5.53 12.11
C LYS A 196 -5.58 4.96 12.49
N PHE A 197 -5.41 4.67 13.77
CA PHE A 197 -4.12 4.28 14.31
C PHE A 197 -4.20 2.90 14.95
N SER A 198 -3.41 1.96 14.45
CA SER A 198 -3.43 0.61 14.96
C SER A 198 -2.00 0.14 15.13
N SER A 199 -1.80 -1.07 15.63
CA SER A 199 -0.44 -1.57 15.74
C SER A 199 0.16 -1.65 14.34
N LYS A 200 -0.71 -1.88 13.35
CA LYS A 200 -0.25 -1.95 11.97
C LYS A 200 0.34 -0.60 11.52
N SER A 201 -0.32 0.51 11.88
CA SER A 201 0.25 1.84 11.68
C SER A 201 1.62 1.95 12.37
N ASP A 202 1.72 1.47 13.61
CA ASP A 202 3.02 1.47 14.28
C ASP A 202 4.01 0.65 13.45
N VAL A 203 3.52 -0.42 12.84
CA VAL A 203 4.38 -1.22 11.98
C VAL A 203 4.94 -0.41 10.81
N TRP A 204 4.10 0.39 10.18
CA TRP A 204 4.56 1.28 9.13
C TRP A 204 5.70 2.17 9.63
N SER A 205 5.44 2.85 10.74
CA SER A 205 6.43 3.69 11.40
C SER A 205 7.70 2.91 11.70
N PHE A 206 7.54 1.66 12.06
CA PHE A 206 8.69 0.86 12.41
C PHE A 206 9.57 0.66 11.17
N GLY A 207 8.96 0.68 9.99
CA GLY A 207 9.75 0.61 8.77
C GLY A 207 10.51 1.90 8.50
N VAL A 208 9.89 3.04 8.80
CA VAL A 208 10.57 4.32 8.65
C VAL A 208 11.67 4.38 9.71
N LEU A 209 11.42 3.75 10.85
CA LEU A 209 12.41 3.73 11.93
C LEU A 209 13.63 2.95 11.48
N MET A 210 13.39 1.75 10.97
CA MET A 210 14.45 0.95 10.38
C MET A 210 15.15 1.73 9.28
N TRP A 211 14.39 2.48 8.49
CA TRP A 211 15.07 3.28 7.48
C TRP A 211 16.12 4.20 8.09
N GLU A 212 15.67 5.05 9.01
CA GLU A 212 16.53 5.91 9.81
C GLU A 212 17.73 5.19 10.37
N ALA A 213 17.49 4.16 11.18
CA ALA A 213 18.57 3.42 11.81
C ALA A 213 19.61 3.12 10.75
N PHE A 214 19.22 2.31 9.77
CA PHE A 214 20.17 1.89 8.74
C PHE A 214 20.69 3.05 7.90
N SER A 215 20.14 4.24 8.11
CA SER A 215 20.70 5.44 7.48
C SER A 215 21.63 6.19 8.40
N TYR A 216 22.13 5.51 9.43
CA TYR A 216 22.94 6.16 10.44
C TYR A 216 22.35 7.53 10.83
N GLY A 217 21.03 7.55 11.01
CA GLY A 217 20.37 8.69 11.61
C GLY A 217 19.91 9.81 10.67
N GLN A 218 19.97 9.57 9.36
CA GLN A 218 19.43 10.54 8.40
C GLN A 218 17.90 10.68 8.55
N LYS A 219 17.39 11.89 8.35
CA LYS A 219 15.96 12.14 8.29
C LYS A 219 15.36 11.40 7.10
N PRO A 220 14.13 10.91 7.24
CA PRO A 220 13.46 10.30 6.08
C PRO A 220 12.82 11.38 5.21
N TYR A 221 12.62 11.10 3.93
CA TYR A 221 11.99 12.04 3.01
C TYR A 221 12.64 13.45 3.01
N ARG A 222 13.97 13.49 3.06
CA ARG A 222 14.69 14.77 3.13
C ARG A 222 14.14 15.82 2.15
N GLY A 223 13.82 17.00 2.67
CA GLY A 223 13.42 18.12 1.84
C GLY A 223 11.94 18.17 1.52
N MET A 224 11.29 17.02 1.55
CA MET A 224 9.89 16.94 1.11
C MET A 224 8.96 17.46 2.18
N LYS A 225 7.82 17.98 1.75
CA LYS A 225 6.76 18.39 2.66
C LYS A 225 5.85 17.20 2.88
N GLY A 226 5.07 17.22 3.97
CA GLY A 226 4.13 16.15 4.26
C GLY A 226 3.25 15.82 3.07
N SER A 227 2.55 16.82 2.57
CA SER A 227 1.69 16.63 1.41
C SER A 227 2.43 15.97 0.24
N GLU A 228 3.73 16.19 0.14
CA GLU A 228 4.49 15.60 -0.96
C GLU A 228 4.88 14.17 -0.66
N VAL A 229 5.02 13.85 0.63
CA VAL A 229 5.35 12.51 1.03
C VAL A 229 4.10 11.68 0.81
N THR A 230 2.96 12.25 1.20
CA THR A 230 1.64 11.66 1.00
C THR A 230 1.36 11.26 -0.46
N ALA A 231 1.69 12.15 -1.38
CA ALA A 231 1.56 11.86 -2.82
C ALA A 231 2.51 10.74 -3.27
N MET A 232 3.77 10.83 -2.89
CA MET A 232 4.75 9.82 -3.30
C MET A 232 4.31 8.41 -2.95
N LEU A 233 3.75 8.24 -1.74
CA LEU A 233 3.37 6.91 -1.28
C LEU A 233 2.16 6.39 -2.07
N GLU A 234 1.20 7.26 -2.29
CA GLU A 234 0.04 6.88 -3.09
C GLU A 234 0.44 6.46 -4.52
N LYS A 235 1.43 7.14 -5.09
CA LYS A 235 2.02 6.71 -6.35
C LYS A 235 2.72 5.33 -6.31
N GLY A 236 2.76 4.69 -5.15
CA GLY A 236 3.40 3.39 -5.05
C GLY A 236 4.91 3.48 -4.84
N GLU A 237 5.40 4.69 -4.66
CA GLU A 237 6.83 4.91 -4.47
C GLU A 237 7.21 4.85 -2.98
N ARG A 238 8.40 4.32 -2.70
CA ARG A 238 8.92 4.18 -1.33
C ARG A 238 10.34 4.73 -1.31
N MET A 239 10.87 4.91 -0.10
CA MET A 239 12.24 5.40 0.06
C MET A 239 13.28 4.44 -0.53
N GLY A 240 14.29 5.01 -1.19
CA GLY A 240 15.39 4.22 -1.71
C GLY A 240 16.19 3.56 -0.62
N CYS A 241 16.93 2.52 -0.98
CA CYS A 241 17.76 1.81 -0.01
C CYS A 241 18.92 2.68 0.43
N PRO A 242 19.21 2.65 1.75
CA PRO A 242 20.32 3.45 2.27
C PRO A 242 21.68 2.78 2.04
N ALA A 243 22.59 3.58 1.49
CA ALA A 243 23.97 3.15 1.26
C ALA A 243 24.43 2.23 2.35
N GLY A 244 24.46 0.93 2.08
CA GLY A 244 25.11 0.00 2.99
C GLY A 244 24.20 -0.95 3.70
N CYS A 245 22.89 -0.70 3.64
CA CYS A 245 21.91 -1.57 4.29
C CYS A 245 21.99 -2.98 3.71
N PRO A 246 21.77 -4.02 4.53
CA PRO A 246 21.67 -5.37 3.97
C PRO A 246 20.45 -5.47 3.07
N ARG A 247 20.12 -6.67 2.60
CA ARG A 247 19.05 -6.82 1.60
C ARG A 247 17.69 -7.05 2.24
N GLU A 248 17.57 -8.07 3.08
CA GLU A 248 16.29 -8.36 3.71
C GLU A 248 15.84 -7.17 4.55
N MET A 249 16.78 -6.43 5.10
CA MET A 249 16.43 -5.30 5.96
C MET A 249 15.70 -4.23 5.14
N TYR A 250 16.11 -4.06 3.89
CA TYR A 250 15.37 -3.19 2.99
C TYR A 250 14.07 -3.88 2.59
N ASP A 251 14.12 -5.19 2.42
CA ASP A 251 12.95 -5.93 2.01
C ASP A 251 11.95 -5.97 3.17
N LEU A 252 12.45 -5.88 4.39
CA LEU A 252 11.56 -5.83 5.55
C LEU A 252 10.87 -4.48 5.58
N MET A 253 11.62 -3.43 5.27
CA MET A 253 11.12 -2.07 5.28
C MET A 253 9.95 -1.92 4.34
N ASN A 254 10.08 -2.51 3.16
CA ASN A 254 9.04 -2.40 2.14
C ASN A 254 7.79 -3.16 2.51
N LEU A 255 7.95 -4.31 3.16
CA LEU A 255 6.82 -5.02 3.70
C LEU A 255 6.13 -4.21 4.81
N CYS A 256 6.92 -3.60 5.70
CA CYS A 256 6.36 -2.70 6.70
C CYS A 256 5.58 -1.59 6.00
N TRP A 257 6.06 -1.18 4.83
CA TRP A 257 5.42 -0.07 4.12
C TRP A 257 4.31 -0.53 3.19
N THR A 258 3.75 -1.70 3.44
CA THR A 258 2.56 -2.16 2.71
C THR A 258 1.40 -1.17 2.82
N TYR A 259 0.97 -0.63 1.69
CA TYR A 259 -0.12 0.34 1.69
C TYR A 259 -1.42 -0.14 2.36
N ASP A 260 -1.82 -1.38 2.08
CA ASP A 260 -3.10 -1.87 2.63
C ASP A 260 -2.91 -2.45 4.03
N VAL A 261 -3.56 -1.82 5.01
CA VAL A 261 -3.51 -2.32 6.36
C VAL A 261 -3.49 -3.84 6.42
N GLU A 262 -4.53 -4.44 5.87
CA GLU A 262 -4.85 -5.84 6.16
C GLU A 262 -3.76 -6.76 5.63
N ASN A 263 -2.98 -6.27 4.66
CA ASN A 263 -1.87 -7.04 4.12
C ASN A 263 -0.54 -6.78 4.82
N ARG A 264 -0.44 -5.63 5.48
CA ARG A 264 0.73 -5.24 6.23
C ARG A 264 0.90 -6.16 7.44
N PRO A 265 2.13 -6.64 7.67
CA PRO A 265 2.45 -7.54 8.78
C PRO A 265 2.29 -6.88 10.15
N GLY A 266 1.88 -7.66 11.16
CA GLY A 266 1.81 -7.18 12.52
C GLY A 266 3.14 -7.39 13.20
N PHE A 267 3.33 -6.80 14.38
CA PHE A 267 4.62 -6.96 15.06
C PHE A 267 4.89 -8.41 15.40
N ALA A 268 3.83 -9.13 15.76
CA ALA A 268 3.95 -10.58 15.94
C ALA A 268 4.77 -11.14 14.79
N ALA A 269 4.29 -10.89 13.57
CA ALA A 269 4.96 -11.34 12.37
C ALA A 269 6.37 -10.77 12.21
N VAL A 270 6.49 -9.44 12.27
CA VAL A 270 7.72 -8.72 11.93
C VAL A 270 8.89 -9.00 12.87
N GLU A 271 8.54 -9.35 14.11
CA GLU A 271 9.54 -9.73 15.10
C GLU A 271 10.04 -11.11 14.71
N LEU A 272 9.09 -12.00 14.43
CA LEU A 272 9.36 -13.38 14.03
C LEU A 272 10.44 -13.48 12.98
N ARG A 273 10.27 -12.74 11.89
CA ARG A 273 11.29 -12.73 10.85
C ARG A 273 12.56 -12.08 11.40
N LEU A 274 12.37 -10.94 12.05
CA LEU A 274 13.49 -10.24 12.68
C LEU A 274 14.31 -11.18 13.56
N ARG A 275 13.64 -11.93 14.43
CA ARG A 275 14.39 -12.83 15.30
C ARG A 275 15.42 -13.61 14.50
N ASN A 276 14.96 -14.38 13.51
CA ASN A 276 15.88 -15.17 12.70
C ASN A 276 16.97 -14.34 12.03
N TYR A 277 16.64 -13.64 10.96
CA TYR A 277 17.66 -12.99 10.15
C TYR A 277 18.93 -12.68 10.92
N TYR A 278 18.78 -12.09 12.11
CA TYR A 278 19.94 -11.75 12.93
C TYR A 278 20.78 -12.98 13.22
N TYR A 279 20.19 -13.99 13.87
CA TYR A 279 20.87 -15.26 14.15
C TYR A 279 21.86 -15.64 13.07
N ASP A 280 21.45 -15.43 11.81
CA ASP A 280 22.23 -15.85 10.67
C ASP A 280 23.29 -14.80 10.32
N VAL A 281 23.49 -13.84 11.21
CA VAL A 281 24.48 -12.79 10.98
C VAL A 281 25.54 -12.75 12.09
N VAL B 11 14.44 -1.51 -22.22
CA VAL B 11 13.34 -1.93 -21.35
C VAL B 11 13.75 -3.21 -20.61
N TYR B 12 15.06 -3.40 -20.47
CA TYR B 12 15.59 -4.53 -19.72
C TYR B 12 16.02 -4.17 -18.30
N LEU B 13 15.70 -5.05 -17.36
CA LEU B 13 15.79 -4.74 -15.94
C LEU B 13 16.81 -5.60 -15.20
N ASP B 14 17.19 -5.14 -14.00
CA ASP B 14 18.24 -5.79 -13.23
C ASP B 14 17.70 -6.61 -12.07
N ARG B 15 17.76 -7.93 -12.18
CA ARG B 15 17.16 -8.83 -11.21
C ARG B 15 17.42 -8.50 -9.72
N LYS B 16 18.69 -8.35 -9.36
CA LYS B 16 19.08 -7.98 -8.00
C LYS B 16 18.27 -6.78 -7.53
N LEU B 17 18.05 -5.81 -8.42
CA LEU B 17 17.25 -4.62 -8.12
C LEU B 17 15.76 -4.90 -7.96
N LEU B 18 15.37 -6.16 -7.96
CA LEU B 18 13.96 -6.49 -7.88
C LEU B 18 13.66 -7.38 -6.71
N THR B 19 12.65 -7.03 -5.94
CA THR B 19 12.30 -7.83 -4.78
C THR B 19 10.87 -8.34 -4.88
N LEU B 20 10.69 -9.64 -4.69
CA LEU B 20 9.39 -10.28 -4.86
C LEU B 20 8.86 -10.92 -3.58
N GLU B 21 7.70 -10.47 -3.12
CA GLU B 21 7.01 -11.11 -2.01
C GLU B 21 6.50 -12.46 -2.48
N ASP B 22 6.57 -13.46 -1.61
CA ASP B 22 6.10 -14.81 -1.94
C ASP B 22 4.62 -14.93 -2.33
N LYS B 23 3.74 -14.51 -1.43
CA LYS B 23 2.30 -14.58 -1.71
C LYS B 23 1.94 -13.99 -3.07
N GLU B 24 1.07 -14.69 -3.78
CA GLU B 24 0.72 -14.33 -5.13
C GLU B 24 -0.46 -13.37 -5.18
N LEU B 25 -0.40 -12.41 -6.10
CA LEU B 25 -1.57 -11.59 -6.37
C LEU B 25 -2.60 -12.43 -7.13
N GLY B 26 -2.12 -13.38 -7.93
CA GLY B 26 -3.01 -14.19 -8.75
C GLY B 26 -2.29 -15.16 -9.67
N SER B 27 -3.05 -15.86 -10.51
CA SER B 27 -2.46 -16.84 -11.42
C SER B 27 -3.19 -16.96 -12.76
N GLY B 28 -2.43 -17.35 -13.79
CA GLY B 28 -2.97 -17.64 -15.10
C GLY B 28 -2.22 -18.79 -15.77
N ASN B 29 -2.45 -18.98 -17.06
CA ASN B 29 -1.74 -20.02 -17.81
C ASN B 29 -0.25 -19.76 -17.95
N PHE B 30 0.11 -18.48 -18.05
CA PHE B 30 1.50 -18.08 -18.17
C PHE B 30 2.26 -18.46 -16.91
N GLY B 31 1.54 -18.48 -15.79
CA GLY B 31 2.15 -18.78 -14.51
C GLY B 31 1.47 -17.99 -13.42
N THR B 32 2.27 -17.30 -12.61
CA THR B 32 1.75 -16.55 -11.49
C THR B 32 2.13 -15.06 -11.56
N VAL B 33 1.52 -14.29 -10.68
CA VAL B 33 1.85 -12.88 -10.51
C VAL B 33 2.20 -12.58 -9.06
N LYS B 34 3.21 -11.73 -8.85
CA LYS B 34 3.69 -11.42 -7.50
C LYS B 34 3.90 -9.94 -7.30
N LYS B 35 3.64 -9.47 -6.09
CA LYS B 35 3.98 -8.11 -5.70
C LYS B 35 5.50 -8.03 -5.63
N GLY B 36 6.05 -6.87 -5.91
CA GLY B 36 7.49 -6.70 -5.82
C GLY B 36 7.87 -5.24 -5.70
N TYR B 37 9.15 -4.98 -5.50
CA TYR B 37 9.64 -3.62 -5.39
C TYR B 37 10.86 -3.50 -6.29
N TYR B 38 10.88 -2.47 -7.13
CA TYR B 38 11.97 -2.30 -8.07
C TYR B 38 12.69 -0.96 -7.83
N GLN B 39 13.95 -1.05 -7.48
CA GLN B 39 14.73 0.14 -7.20
C GLN B 39 14.98 0.86 -8.53
N MET B 40 14.39 2.04 -8.66
CA MET B 40 14.49 2.82 -9.89
C MET B 40 15.73 3.69 -9.79
N LYS B 41 15.66 4.88 -10.37
CA LYS B 41 16.63 5.90 -10.06
C LYS B 41 16.22 6.44 -8.70
N LYS B 42 16.88 5.96 -7.66
CA LYS B 42 16.66 6.44 -6.30
C LYS B 42 15.54 5.67 -5.59
N VAL B 43 14.34 6.21 -5.63
CA VAL B 43 13.16 5.62 -4.98
C VAL B 43 12.79 4.24 -5.52
N VAL B 44 12.28 3.38 -4.66
CA VAL B 44 11.76 2.10 -5.12
C VAL B 44 10.32 2.27 -5.59
N LYS B 45 9.94 1.53 -6.62
CA LYS B 45 8.56 1.59 -7.09
C LYS B 45 7.87 0.28 -6.80
N THR B 46 6.60 0.35 -6.42
CA THR B 46 5.85 -0.87 -6.16
C THR B 46 5.33 -1.45 -7.49
N VAL B 47 5.56 -2.75 -7.67
CA VAL B 47 5.32 -3.35 -8.98
C VAL B 47 4.59 -4.68 -8.91
N ALA B 48 3.80 -4.97 -9.94
CA ALA B 48 3.20 -6.29 -10.10
C ALA B 48 4.00 -7.01 -11.17
N VAL B 49 4.21 -8.31 -10.97
CA VAL B 49 5.19 -9.04 -11.79
C VAL B 49 4.66 -10.36 -12.33
N LYS B 50 4.47 -10.44 -13.64
CA LYS B 50 4.04 -11.67 -14.28
C LYS B 50 5.24 -12.59 -14.45
N ILE B 51 5.12 -13.80 -13.93
CA ILE B 51 6.20 -14.78 -13.89
C ILE B 51 5.89 -16.03 -14.70
N LEU B 52 6.77 -16.37 -15.63
CA LEU B 52 6.58 -17.51 -16.54
C LEU B 52 7.01 -18.86 -15.96
N LYS B 53 6.04 -19.75 -15.79
CA LYS B 53 6.31 -21.12 -15.33
C LYS B 53 7.34 -21.83 -16.21
N PRO B 59 6.81 -24.85 -24.95
CA PRO B 59 7.34 -23.50 -24.74
C PRO B 59 6.70 -22.47 -25.67
N ALA B 60 5.41 -22.24 -25.50
CA ALA B 60 4.69 -21.25 -26.31
C ALA B 60 4.53 -19.92 -25.56
N LEU B 61 4.19 -20.01 -24.28
CA LEU B 61 3.80 -18.84 -23.50
C LEU B 61 4.80 -17.66 -23.53
N LYS B 62 6.09 -17.95 -23.56
CA LYS B 62 7.07 -16.86 -23.57
C LYS B 62 6.73 -15.83 -24.62
N ASP B 63 6.48 -16.30 -25.84
CA ASP B 63 6.25 -15.39 -26.95
C ASP B 63 4.93 -14.61 -26.80
N GLU B 64 3.89 -15.23 -26.23
CA GLU B 64 2.69 -14.47 -25.90
C GLU B 64 3.05 -13.32 -24.95
N LEU B 65 4.03 -13.53 -24.10
CA LEU B 65 4.38 -12.52 -23.12
C LEU B 65 5.17 -11.37 -23.74
N LEU B 66 6.05 -11.72 -24.69
CA LEU B 66 6.75 -10.71 -25.46
C LEU B 66 5.72 -9.88 -26.21
N ALA B 67 4.61 -10.50 -26.58
CA ALA B 67 3.57 -9.78 -27.30
C ALA B 67 3.01 -8.72 -26.38
N GLU B 68 2.65 -9.15 -25.18
CA GLU B 68 2.12 -8.23 -24.19
C GLU B 68 3.07 -7.07 -23.93
N ALA B 69 4.35 -7.37 -23.72
CA ALA B 69 5.35 -6.31 -23.56
C ALA B 69 5.45 -5.35 -24.76
N ASN B 70 5.66 -5.90 -25.97
CA ASN B 70 5.74 -5.05 -27.17
C ASN B 70 4.52 -4.15 -27.35
N VAL B 71 3.35 -4.63 -26.92
CA VAL B 71 2.15 -3.79 -26.90
C VAL B 71 2.25 -2.74 -25.80
N MET B 72 2.53 -3.17 -24.58
CA MET B 72 2.55 -2.22 -23.47
C MET B 72 3.58 -1.13 -23.76
N GLN B 73 4.69 -1.52 -24.38
CA GLN B 73 5.75 -0.56 -24.67
C GLN B 73 5.31 0.61 -25.56
N GLN B 74 4.37 0.37 -26.46
CA GLN B 74 3.93 1.41 -27.39
C GLN B 74 2.85 2.27 -26.77
N LEU B 75 2.19 1.75 -25.75
CA LEU B 75 1.04 2.45 -25.21
C LEU B 75 1.46 3.41 -24.11
N ASP B 76 0.85 4.58 -24.08
CA ASP B 76 1.14 5.57 -23.05
C ASP B 76 -0.12 6.38 -22.77
N ASN B 77 -0.84 6.00 -21.71
CA ASN B 77 -2.10 6.65 -21.37
C ASN B 77 -2.41 6.39 -19.90
N PRO B 78 -3.05 7.37 -19.24
CA PRO B 78 -3.31 7.31 -17.78
C PRO B 78 -4.21 6.15 -17.35
N TYR B 79 -5.00 5.62 -18.29
CA TYR B 79 -5.97 4.59 -17.98
C TYR B 79 -5.54 3.28 -18.61
N ILE B 80 -4.24 3.15 -18.80
CA ILE B 80 -3.65 1.91 -19.23
C ILE B 80 -2.42 1.59 -18.36
N VAL B 81 -2.40 0.41 -17.77
CA VAL B 81 -1.26 0.01 -16.95
C VAL B 81 0.06 0.20 -17.68
N ARG B 82 1.06 0.74 -16.98
CA ARG B 82 2.37 0.96 -17.58
C ARG B 82 3.32 -0.17 -17.24
N MET B 83 4.07 -0.60 -18.23
CA MET B 83 5.08 -1.61 -18.03
C MET B 83 6.35 -0.93 -17.55
N ILE B 84 7.02 -1.50 -16.54
CA ILE B 84 8.32 -0.96 -16.14
C ILE B 84 9.35 -1.52 -17.12
N GLY B 85 9.34 -2.84 -17.27
CA GLY B 85 10.16 -3.51 -18.26
C GLY B 85 10.10 -5.01 -18.08
N ILE B 86 10.97 -5.74 -18.77
CA ILE B 86 11.02 -7.19 -18.67
C ILE B 86 12.31 -7.58 -17.98
N CYS B 87 12.30 -8.72 -17.29
CA CYS B 87 13.47 -9.15 -16.56
C CYS B 87 13.70 -10.66 -16.71
N GLU B 88 14.94 -11.03 -17.03
CA GLU B 88 15.25 -12.42 -17.36
C GLU B 88 16.18 -13.03 -16.31
N ALA B 89 15.65 -13.98 -15.55
CA ALA B 89 16.41 -14.59 -14.46
C ALA B 89 15.96 -16.03 -14.21
N GLU B 90 15.72 -16.39 -12.97
CA GLU B 90 15.28 -17.75 -12.67
C GLU B 90 14.05 -18.07 -13.51
N SER B 91 13.48 -17.03 -14.08
CA SER B 91 12.25 -17.13 -14.85
C SER B 91 12.12 -15.86 -15.68
N TRP B 92 11.19 -15.89 -16.61
CA TRP B 92 10.97 -14.75 -17.48
C TRP B 92 9.84 -13.92 -16.90
N MET B 93 10.10 -12.63 -16.71
CA MET B 93 9.20 -11.80 -15.94
C MET B 93 8.85 -10.48 -16.63
N LEU B 94 7.57 -10.13 -16.59
CA LEU B 94 7.15 -8.84 -17.08
C LEU B 94 6.69 -7.98 -15.90
N VAL B 95 7.30 -6.81 -15.75
CA VAL B 95 7.15 -5.98 -14.55
C VAL B 95 6.36 -4.73 -14.87
N MET B 96 5.27 -4.51 -14.13
CA MET B 96 4.42 -3.38 -14.42
C MET B 96 4.19 -2.60 -13.13
N GLU B 97 3.94 -1.31 -13.28
CA GLU B 97 3.55 -0.46 -12.16
C GLU B 97 2.28 -0.99 -11.46
N MET B 98 2.46 -1.47 -10.24
CA MET B 98 1.42 -2.01 -9.37
C MET B 98 0.17 -1.13 -9.25
N ALA B 99 -0.99 -1.71 -9.56
CA ALA B 99 -2.25 -1.09 -9.24
C ALA B 99 -2.72 -1.87 -8.02
N GLU B 100 -2.78 -1.23 -6.86
CA GLU B 100 -2.79 -1.98 -5.60
C GLU B 100 -4.12 -2.58 -5.20
N LEU B 101 -5.21 -1.91 -5.57
CA LEU B 101 -6.54 -2.38 -5.22
C LEU B 101 -6.92 -3.62 -6.03
N GLY B 102 -6.27 -3.81 -7.18
CA GLY B 102 -6.46 -5.04 -7.94
C GLY B 102 -7.70 -5.05 -8.84
N PRO B 103 -8.06 -6.23 -9.39
CA PRO B 103 -9.14 -6.40 -10.36
C PRO B 103 -10.49 -5.84 -9.93
N LEU B 104 -11.09 -5.06 -10.83
CA LEU B 104 -12.37 -4.44 -10.61
C LEU B 104 -13.47 -5.43 -10.13
N ASN B 105 -13.49 -6.66 -10.66
CA ASN B 105 -14.60 -7.55 -10.31
C ASN B 105 -14.54 -8.01 -8.84
N LYS B 106 -13.41 -8.56 -8.41
CA LYS B 106 -13.21 -8.97 -7.02
C LYS B 106 -13.45 -7.79 -6.08
N TYR B 107 -12.97 -6.62 -6.47
CA TYR B 107 -13.16 -5.47 -5.60
C TYR B 107 -14.64 -5.19 -5.37
N LEU B 108 -15.41 -5.11 -6.45
CA LEU B 108 -16.80 -4.77 -6.29
C LEU B 108 -17.49 -5.86 -5.48
N GLN B 109 -16.92 -7.05 -5.51
CA GLN B 109 -17.50 -8.18 -4.81
C GLN B 109 -17.43 -7.96 -3.33
N GLN B 110 -16.47 -7.13 -2.93
CA GLN B 110 -16.22 -6.98 -1.52
C GLN B 110 -16.38 -5.56 -1.06
N ASN B 111 -17.05 -4.75 -1.85
CA ASN B 111 -17.33 -3.39 -1.47
C ASN B 111 -18.69 -3.07 -2.05
N ARG B 112 -19.66 -3.95 -1.80
CA ARG B 112 -20.98 -3.79 -2.37
C ARG B 112 -21.61 -2.43 -2.04
N HIS B 113 -20.89 -1.64 -1.26
CA HIS B 113 -21.35 -0.33 -0.84
C HIS B 113 -20.99 0.73 -1.88
N VAL B 114 -20.16 0.37 -2.84
CA VAL B 114 -19.69 1.39 -3.76
C VAL B 114 -20.88 2.02 -4.47
N LYS B 115 -20.83 3.35 -4.62
CA LYS B 115 -21.93 4.09 -5.24
C LYS B 115 -22.00 3.92 -6.77
N ASP B 116 -23.22 3.93 -7.30
CA ASP B 116 -23.39 3.79 -8.73
C ASP B 116 -22.57 4.85 -9.44
N LYS B 117 -22.51 6.04 -8.87
CA LYS B 117 -21.81 7.13 -9.52
C LYS B 117 -20.30 6.94 -9.45
N ASN B 118 -19.83 6.09 -8.53
CA ASN B 118 -18.42 5.78 -8.48
C ASN B 118 -18.17 4.82 -9.63
N ILE B 119 -19.12 3.89 -9.78
CA ILE B 119 -19.06 2.89 -10.83
C ILE B 119 -19.09 3.50 -12.22
N ILE B 120 -20.00 4.44 -12.43
CA ILE B 120 -20.01 5.21 -13.66
C ILE B 120 -18.64 5.81 -13.90
N GLU B 121 -18.16 6.57 -12.92
CA GLU B 121 -16.85 7.20 -12.99
C GLU B 121 -15.77 6.24 -13.44
N LEU B 122 -15.74 5.06 -12.84
CA LEU B 122 -14.75 4.06 -13.20
C LEU B 122 -14.94 3.50 -14.61
N VAL B 123 -16.15 3.09 -14.97
CA VAL B 123 -16.33 2.53 -16.32
C VAL B 123 -16.11 3.59 -17.36
N HIS B 124 -16.38 4.84 -17.02
CA HIS B 124 -16.03 5.89 -17.96
C HIS B 124 -14.53 5.97 -18.25
N GLN B 125 -13.71 5.75 -17.22
CA GLN B 125 -12.26 5.83 -17.40
C GLN B 125 -11.78 4.72 -18.33
N VAL B 126 -12.33 3.54 -18.15
CA VAL B 126 -12.06 2.42 -19.05
C VAL B 126 -12.32 2.86 -20.48
N SER B 127 -13.42 3.58 -20.70
CA SER B 127 -13.79 4.00 -22.05
C SER B 127 -12.81 5.03 -22.64
N MET B 128 -12.14 5.79 -21.77
CA MET B 128 -11.11 6.70 -22.24
C MET B 128 -9.87 5.92 -22.61
N GLY B 129 -9.48 4.97 -21.76
CA GLY B 129 -8.41 4.06 -22.13
C GLY B 129 -8.71 3.34 -23.45
N MET B 130 -9.95 2.88 -23.60
CA MET B 130 -10.33 2.12 -24.83
C MET B 130 -10.44 3.02 -26.05
N LYS B 131 -10.97 4.22 -25.84
CA LYS B 131 -10.97 5.23 -26.90
C LYS B 131 -9.54 5.45 -27.44
N TYR B 132 -8.58 5.51 -26.52
CA TYR B 132 -7.17 5.69 -26.86
C TYR B 132 -6.64 4.49 -27.64
N LEU B 133 -7.04 3.29 -27.24
CA LEU B 133 -6.59 2.09 -27.93
C LEU B 133 -7.13 2.05 -29.34
N GLU B 134 -8.39 2.47 -29.48
CA GLU B 134 -9.04 2.51 -30.78
C GLU B 134 -8.27 3.47 -31.70
N GLU B 135 -8.15 4.71 -31.27
CA GLU B 135 -7.32 5.70 -31.94
C GLU B 135 -5.96 5.14 -32.35
N SER B 136 -5.35 4.32 -31.49
CA SER B 136 -4.03 3.78 -31.75
C SER B 136 -4.14 2.52 -32.57
N ASN B 137 -5.37 2.20 -32.97
CA ASN B 137 -5.65 1.00 -33.73
C ASN B 137 -5.00 -0.26 -33.14
N PHE B 138 -5.21 -0.43 -31.83
CA PHE B 138 -4.90 -1.69 -31.16
C PHE B 138 -6.22 -2.30 -30.75
N VAL B 139 -6.35 -3.62 -30.86
CA VAL B 139 -7.51 -4.32 -30.29
C VAL B 139 -7.11 -5.06 -29.03
N HIS B 140 -7.87 -4.85 -27.95
CA HIS B 140 -7.56 -5.51 -26.69
C HIS B 140 -7.78 -7.01 -26.72
N ARG B 141 -9.00 -7.41 -27.06
CA ARG B 141 -9.37 -8.82 -27.23
C ARG B 141 -9.49 -9.59 -25.92
N ASP B 142 -9.48 -8.90 -24.80
CA ASP B 142 -9.75 -9.55 -23.51
C ASP B 142 -10.30 -8.53 -22.54
N LEU B 143 -11.16 -7.67 -23.05
CA LEU B 143 -11.68 -6.60 -22.21
C LEU B 143 -12.76 -7.15 -21.29
N ALA B 144 -12.45 -7.28 -20.00
CA ALA B 144 -13.37 -7.81 -18.98
C ALA B 144 -13.06 -7.14 -17.67
N ALA B 145 -14.01 -7.11 -16.74
CA ALA B 145 -13.79 -6.44 -15.46
C ALA B 145 -12.56 -7.00 -14.72
N ARG B 146 -12.25 -8.28 -14.88
CA ARG B 146 -11.06 -8.85 -14.25
C ARG B 146 -9.78 -8.23 -14.84
N ASN B 147 -9.90 -7.54 -15.97
CA ASN B 147 -8.74 -6.94 -16.61
C ASN B 147 -8.78 -5.43 -16.50
N VAL B 148 -9.63 -4.96 -15.60
CA VAL B 148 -9.62 -3.56 -15.21
C VAL B 148 -9.03 -3.50 -13.80
N LEU B 149 -7.86 -2.87 -13.65
CA LEU B 149 -7.19 -2.85 -12.34
C LEU B 149 -7.40 -1.51 -11.64
N LEU B 150 -7.64 -1.55 -10.33
CA LEU B 150 -7.87 -0.32 -9.60
C LEU B 150 -6.56 0.18 -8.96
N VAL B 151 -6.21 1.40 -9.25
CA VAL B 151 -5.10 2.00 -8.54
C VAL B 151 -5.64 2.60 -7.25
N THR B 152 -6.72 3.36 -7.38
CA THR B 152 -7.53 3.76 -6.22
C THR B 152 -9.00 3.52 -6.55
N GLN B 153 -9.87 3.53 -5.54
CA GLN B 153 -11.28 3.32 -5.75
C GLN B 153 -11.86 4.34 -6.75
N HIS B 154 -11.04 5.26 -7.23
CA HIS B 154 -11.52 6.23 -8.20
C HIS B 154 -10.60 6.36 -9.39
N TYR B 155 -9.85 5.30 -9.64
CA TYR B 155 -8.92 5.34 -10.74
C TYR B 155 -8.69 3.92 -11.24
N ALA B 156 -9.18 3.66 -12.43
CA ALA B 156 -9.06 2.35 -13.05
C ALA B 156 -8.07 2.39 -14.19
N LYS B 157 -7.38 1.28 -14.41
CA LYS B 157 -6.50 1.10 -15.55
C LYS B 157 -6.80 -0.21 -16.23
N ILE B 158 -6.56 -0.26 -17.53
CA ILE B 158 -6.79 -1.47 -18.31
C ILE B 158 -5.51 -2.30 -18.32
N SER B 159 -5.66 -3.61 -18.16
CA SER B 159 -4.49 -4.50 -18.11
C SER B 159 -4.58 -5.74 -19.03
N ASP B 160 -3.51 -6.52 -19.04
CA ASP B 160 -3.50 -7.80 -19.74
C ASP B 160 -3.68 -7.63 -21.23
N PHE B 161 -2.56 -7.45 -21.91
CA PHE B 161 -2.57 -7.25 -23.35
C PHE B 161 -1.99 -8.45 -24.11
N GLY B 162 -2.10 -9.63 -23.51
CA GLY B 162 -1.52 -10.83 -24.08
C GLY B 162 -2.20 -11.34 -25.32
N LEU B 163 -3.46 -10.94 -25.53
CA LEU B 163 -4.22 -11.27 -26.73
C LEU B 163 -4.41 -10.05 -27.63
N SER B 164 -3.72 -8.97 -27.31
CA SER B 164 -3.94 -7.74 -28.06
C SER B 164 -3.18 -7.70 -29.38
N LYS B 165 -3.71 -6.93 -30.31
CA LYS B 165 -3.08 -6.84 -31.60
C LYS B 165 -3.11 -5.41 -32.09
N ALA B 166 -2.08 -5.07 -32.85
CA ALA B 166 -2.03 -3.82 -33.60
C ALA B 166 -2.63 -4.10 -34.97
N LEU B 167 -3.59 -3.29 -35.37
CA LEU B 167 -4.26 -3.53 -36.64
C LEU B 167 -3.36 -3.15 -37.83
N ARG B 168 -3.44 -3.94 -38.91
CA ARG B 168 -2.84 -3.58 -40.19
C ARG B 168 -3.35 -2.23 -40.69
N ALA B 169 -2.50 -1.48 -41.38
CA ALA B 169 -2.88 -0.13 -41.79
C ALA B 169 -4.08 -0.11 -42.74
N ASP B 170 -4.30 -1.19 -43.48
CA ASP B 170 -5.37 -1.25 -44.49
C ASP B 170 -6.63 -1.95 -44.00
N GLU B 171 -6.61 -2.43 -42.76
CA GLU B 171 -7.73 -3.20 -42.20
C GLU B 171 -8.26 -2.71 -40.84
N ASN B 172 -9.51 -3.07 -40.58
CA ASN B 172 -10.30 -2.60 -39.47
C ASN B 172 -10.30 -3.62 -38.34
N TYR B 173 -9.75 -4.78 -38.63
CA TYR B 173 -9.96 -5.92 -37.77
C TYR B 173 -8.78 -6.86 -37.90
N TYR B 174 -8.61 -7.72 -36.90
CA TYR B 174 -7.60 -8.77 -36.90
C TYR B 174 -8.28 -10.10 -37.11
N LYS B 175 -7.76 -10.91 -38.02
CA LYS B 175 -8.33 -12.24 -38.28
C LYS B 175 -7.47 -13.33 -37.68
N ALA B 176 -8.06 -14.14 -36.81
CA ALA B 176 -7.29 -15.11 -36.08
C ALA B 176 -7.34 -16.49 -36.71
N GLN B 177 -6.43 -17.36 -36.29
CA GLN B 177 -6.49 -18.77 -36.66
C GLN B 177 -6.09 -19.71 -35.51
N LYS B 181 -7.60 -20.55 -25.81
CA LYS B 181 -8.51 -20.32 -24.70
C LYS B 181 -9.13 -18.93 -24.82
N TRP B 182 -10.36 -18.89 -25.31
CA TRP B 182 -11.04 -17.63 -25.58
C TRP B 182 -12.09 -17.31 -24.53
N PRO B 183 -12.14 -16.05 -24.08
CA PRO B 183 -13.17 -15.55 -23.16
C PRO B 183 -14.52 -15.38 -23.89
N VAL B 184 -15.04 -16.48 -24.40
CA VAL B 184 -16.30 -16.49 -25.15
C VAL B 184 -17.41 -15.55 -24.64
N LYS B 185 -17.61 -15.48 -23.33
CA LYS B 185 -18.72 -14.69 -22.80
C LYS B 185 -18.52 -13.20 -22.98
N TRP B 186 -17.29 -12.77 -23.22
CA TRP B 186 -17.00 -11.36 -23.46
C TRP B 186 -16.93 -11.05 -24.97
N TYR B 187 -17.04 -12.08 -25.81
CA TYR B 187 -16.84 -11.94 -27.26
C TYR B 187 -18.07 -11.64 -28.09
N ALA B 188 -17.98 -10.61 -28.95
CA ALA B 188 -19.06 -10.28 -29.89
C ALA B 188 -19.27 -11.41 -30.91
N PRO B 189 -20.45 -11.47 -31.57
CA PRO B 189 -20.77 -12.61 -32.45
C PRO B 189 -19.79 -12.74 -33.61
N GLU B 190 -19.35 -11.62 -34.18
CA GLU B 190 -18.41 -11.73 -35.28
C GLU B 190 -17.12 -12.43 -34.87
N CYS B 191 -16.68 -12.26 -33.61
CA CYS B 191 -15.42 -12.86 -33.20
C CYS B 191 -15.62 -14.36 -33.17
N ILE B 192 -16.81 -14.76 -32.74
CA ILE B 192 -17.14 -16.18 -32.61
C ILE B 192 -17.30 -16.86 -33.96
N ASN B 193 -18.15 -16.29 -34.82
CA ASN B 193 -18.49 -16.89 -36.12
C ASN B 193 -17.42 -16.74 -37.21
N TYR B 194 -16.72 -15.62 -37.21
CA TYR B 194 -15.79 -15.31 -38.31
C TYR B 194 -14.36 -14.99 -37.82
N TYR B 195 -14.13 -15.10 -36.51
CA TYR B 195 -12.82 -14.82 -35.94
C TYR B 195 -12.35 -13.40 -36.25
N LYS B 196 -13.29 -12.48 -36.33
CA LYS B 196 -12.95 -11.11 -36.68
C LYS B 196 -13.00 -10.24 -35.44
N PHE B 197 -11.85 -9.65 -35.13
CA PHE B 197 -11.68 -8.84 -33.92
C PHE B 197 -11.36 -7.41 -34.27
N SER B 198 -12.26 -6.50 -33.92
CA SER B 198 -12.04 -5.08 -34.19
C SER B 198 -12.29 -4.28 -32.92
N SER B 199 -12.11 -2.97 -32.99
CA SER B 199 -12.43 -2.16 -31.84
C SER B 199 -13.89 -2.27 -31.46
N LYS B 200 -14.76 -2.38 -32.49
CA LYS B 200 -16.18 -2.65 -32.28
C LYS B 200 -16.35 -3.89 -31.41
N SER B 201 -15.61 -4.97 -31.69
CA SER B 201 -15.65 -6.17 -30.87
C SER B 201 -15.32 -5.82 -29.42
N ASP B 202 -14.31 -4.96 -29.23
CA ASP B 202 -13.95 -4.58 -27.87
C ASP B 202 -15.11 -3.82 -27.21
N VAL B 203 -15.88 -3.11 -28.02
CA VAL B 203 -17.05 -2.38 -27.56
C VAL B 203 -18.09 -3.33 -27.01
N TRP B 204 -18.20 -4.50 -27.62
CA TRP B 204 -19.13 -5.52 -27.14
C TRP B 204 -18.68 -6.05 -25.78
N SER B 205 -17.40 -6.39 -25.67
CA SER B 205 -16.85 -6.79 -24.37
C SER B 205 -17.09 -5.70 -23.32
N PHE B 206 -16.77 -4.48 -23.69
CA PHE B 206 -17.00 -3.36 -22.79
C PHE B 206 -18.42 -3.37 -22.22
N GLY B 207 -19.41 -3.56 -23.08
CA GLY B 207 -20.78 -3.59 -22.61
C GLY B 207 -20.98 -4.68 -21.57
N VAL B 208 -20.30 -5.82 -21.76
CA VAL B 208 -20.36 -6.91 -20.81
C VAL B 208 -19.60 -6.52 -19.56
N LEU B 209 -18.55 -5.74 -19.75
CA LEU B 209 -17.74 -5.29 -18.63
C LEU B 209 -18.62 -4.38 -17.79
N MET B 210 -19.33 -3.47 -18.45
CA MET B 210 -20.29 -2.61 -17.78
C MET B 210 -21.35 -3.42 -17.03
N TRP B 211 -21.75 -4.57 -17.57
CA TRP B 211 -22.72 -5.39 -16.86
C TRP B 211 -22.09 -5.92 -15.59
N GLU B 212 -20.88 -6.46 -15.72
CA GLU B 212 -20.12 -6.91 -14.55
C GLU B 212 -20.03 -5.88 -13.45
N ALA B 213 -19.74 -4.63 -13.83
CA ALA B 213 -19.52 -3.62 -12.81
C ALA B 213 -20.80 -3.32 -12.07
N PHE B 214 -21.89 -3.14 -12.82
CA PHE B 214 -23.15 -2.78 -12.17
C PHE B 214 -23.80 -3.95 -11.45
N SER B 215 -23.29 -5.15 -11.69
CA SER B 215 -23.70 -6.31 -10.92
C SER B 215 -22.67 -6.64 -9.87
N TYR B 216 -21.85 -5.65 -9.53
CA TYR B 216 -20.84 -5.79 -8.48
C TYR B 216 -19.99 -7.05 -8.63
N GLY B 217 -19.49 -7.26 -9.84
CA GLY B 217 -18.49 -8.28 -10.07
C GLY B 217 -19.11 -9.65 -10.26
N GLN B 218 -20.41 -9.69 -10.48
CA GLN B 218 -21.08 -10.93 -10.80
C GLN B 218 -20.53 -11.49 -12.09
N LYS B 219 -20.48 -12.82 -12.21
CA LYS B 219 -20.09 -13.45 -13.47
C LYS B 219 -21.23 -13.37 -14.48
N PRO B 220 -20.90 -13.06 -15.74
CA PRO B 220 -21.99 -12.86 -16.69
C PRO B 220 -22.45 -14.22 -17.24
N TYR B 221 -23.71 -14.30 -17.65
CA TYR B 221 -24.25 -15.54 -18.22
C TYR B 221 -24.09 -16.69 -17.23
N ARG B 222 -24.38 -16.45 -15.96
CA ARG B 222 -24.13 -17.44 -14.91
C ARG B 222 -24.77 -18.81 -15.22
N GLY B 223 -23.98 -19.87 -15.07
CA GLY B 223 -24.47 -21.22 -15.27
C GLY B 223 -24.61 -21.70 -16.72
N MET B 224 -24.36 -20.80 -17.66
CA MET B 224 -24.49 -21.11 -19.08
C MET B 224 -23.16 -21.54 -19.68
N LYS B 225 -23.22 -22.44 -20.66
CA LYS B 225 -22.03 -22.81 -21.42
C LYS B 225 -21.85 -21.79 -22.55
N GLY B 226 -20.63 -21.66 -23.07
CA GLY B 226 -20.35 -20.72 -24.15
C GLY B 226 -21.27 -20.93 -25.34
N SER B 227 -21.44 -22.19 -25.71
CA SER B 227 -22.32 -22.51 -26.83
C SER B 227 -23.74 -21.99 -26.60
N GLU B 228 -24.17 -21.97 -25.34
CA GLU B 228 -25.53 -21.57 -25.06
C GLU B 228 -25.66 -20.04 -25.04
N VAL B 229 -24.61 -19.35 -24.59
CA VAL B 229 -24.56 -17.90 -24.68
C VAL B 229 -24.74 -17.43 -26.12
N THR B 230 -23.99 -18.08 -27.01
CA THR B 230 -23.99 -17.76 -28.42
C THR B 230 -25.37 -18.00 -29.01
N ALA B 231 -25.94 -19.15 -28.68
CA ALA B 231 -27.32 -19.46 -29.05
C ALA B 231 -28.25 -18.35 -28.57
N MET B 232 -28.19 -18.07 -27.28
CA MET B 232 -29.05 -17.04 -26.70
C MET B 232 -28.93 -15.75 -27.50
N LEU B 233 -27.69 -15.35 -27.77
CA LEU B 233 -27.44 -14.10 -28.47
C LEU B 233 -27.99 -14.12 -29.90
N GLU B 234 -27.78 -15.24 -30.60
CA GLU B 234 -28.37 -15.40 -31.94
C GLU B 234 -29.87 -15.09 -31.83
N LYS B 235 -30.54 -15.66 -30.84
CA LYS B 235 -31.98 -15.43 -30.68
C LYS B 235 -32.36 -13.96 -30.47
N GLY B 236 -31.39 -13.09 -30.22
CA GLY B 236 -31.68 -11.69 -29.93
C GLY B 236 -31.89 -11.37 -28.45
N GLU B 237 -31.63 -12.35 -27.60
CA GLU B 237 -31.76 -12.13 -26.16
C GLU B 237 -30.44 -11.61 -25.57
N ARG B 238 -30.56 -10.82 -24.49
CA ARG B 238 -29.42 -10.22 -23.78
C ARG B 238 -29.58 -10.39 -22.28
N MET B 239 -28.50 -10.24 -21.52
CA MET B 239 -28.60 -10.26 -20.05
C MET B 239 -29.55 -9.16 -19.60
N GLY B 240 -30.29 -9.43 -18.53
CA GLY B 240 -31.18 -8.44 -17.94
C GLY B 240 -30.44 -7.42 -17.08
N CYS B 241 -31.10 -6.30 -16.82
CA CYS B 241 -30.55 -5.21 -16.02
C CYS B 241 -30.22 -5.72 -14.64
N PRO B 242 -29.00 -5.42 -14.16
CA PRO B 242 -28.58 -5.85 -12.82
C PRO B 242 -29.34 -5.07 -11.74
N ALA B 243 -29.64 -5.75 -10.63
CA ALA B 243 -30.32 -5.16 -9.49
C ALA B 243 -29.71 -3.81 -9.15
N GLY B 244 -30.49 -2.75 -9.34
CA GLY B 244 -30.06 -1.43 -8.90
C GLY B 244 -29.25 -0.66 -9.91
N CYS B 245 -29.10 -1.19 -11.13
CA CYS B 245 -28.36 -0.47 -12.15
C CYS B 245 -29.18 0.72 -12.69
N PRO B 246 -28.49 1.82 -13.04
CA PRO B 246 -29.20 3.01 -13.56
C PRO B 246 -29.79 2.71 -14.91
N ARG B 247 -30.90 3.33 -15.27
CA ARG B 247 -31.51 3.03 -16.57
C ARG B 247 -30.58 3.36 -17.73
N GLU B 248 -30.04 4.56 -17.71
CA GLU B 248 -29.30 5.03 -18.88
C GLU B 248 -28.03 4.21 -19.10
N MET B 249 -27.62 3.42 -18.10
CA MET B 249 -26.44 2.55 -18.22
C MET B 249 -26.79 1.17 -18.76
N TYR B 250 -27.97 0.66 -18.42
CA TYR B 250 -28.46 -0.55 -19.09
C TYR B 250 -28.63 -0.24 -20.57
N ASP B 251 -29.23 0.90 -20.85
CA ASP B 251 -29.43 1.32 -22.23
C ASP B 251 -28.11 1.35 -23.01
N LEU B 252 -27.01 1.64 -22.34
CA LEU B 252 -25.72 1.70 -23.03
C LEU B 252 -25.17 0.30 -23.28
N MET B 253 -25.38 -0.63 -22.36
CA MET B 253 -24.93 -2.02 -22.57
C MET B 253 -25.57 -2.67 -23.82
N ASN B 254 -26.87 -2.44 -23.97
CA ASN B 254 -27.59 -3.02 -25.07
C ASN B 254 -27.15 -2.43 -26.39
N LEU B 255 -26.84 -1.15 -26.37
CA LEU B 255 -26.24 -0.52 -27.52
C LEU B 255 -24.84 -1.12 -27.75
N CYS B 256 -24.08 -1.37 -26.68
CA CYS B 256 -22.81 -2.06 -26.88
C CYS B 256 -23.02 -3.46 -27.48
N TRP B 257 -24.13 -4.08 -27.12
CA TRP B 257 -24.42 -5.44 -27.55
C TRP B 257 -25.23 -5.40 -28.82
N THR B 258 -24.90 -4.45 -29.71
CA THR B 258 -25.51 -4.43 -31.05
C THR B 258 -24.97 -5.57 -31.91
N TYR B 259 -25.83 -6.47 -32.36
CA TYR B 259 -25.37 -7.66 -33.09
C TYR B 259 -24.57 -7.35 -34.34
N ASP B 260 -25.10 -6.44 -35.15
CA ASP B 260 -24.44 -6.09 -36.40
C ASP B 260 -23.29 -5.14 -36.15
N VAL B 261 -22.09 -5.58 -36.49
CA VAL B 261 -20.92 -4.77 -36.23
C VAL B 261 -21.11 -3.32 -36.68
N GLU B 262 -21.59 -3.17 -37.91
CA GLU B 262 -21.61 -1.85 -38.54
C GLU B 262 -22.51 -0.87 -37.78
N ASN B 263 -23.53 -1.38 -37.11
CA ASN B 263 -24.42 -0.51 -36.33
C ASN B 263 -23.99 -0.25 -34.86
N ARG B 264 -23.12 -1.10 -34.34
CA ARG B 264 -22.59 -0.97 -32.99
C ARG B 264 -21.65 0.24 -32.94
N PRO B 265 -21.76 1.05 -31.87
CA PRO B 265 -20.99 2.30 -31.73
C PRO B 265 -19.52 2.04 -31.44
N GLY B 266 -18.66 3.00 -31.79
CA GLY B 266 -17.24 2.92 -31.47
C GLY B 266 -16.96 3.55 -30.13
N PHE B 267 -15.71 3.51 -29.71
CA PHE B 267 -15.41 3.95 -28.36
C PHE B 267 -15.53 5.45 -28.14
N ALA B 268 -15.38 6.21 -29.22
CA ALA B 268 -15.54 7.66 -29.13
C ALA B 268 -16.97 7.97 -28.72
N ALA B 269 -17.90 7.23 -29.29
CA ALA B 269 -19.32 7.49 -29.06
C ALA B 269 -19.74 6.97 -27.71
N VAL B 270 -19.14 5.87 -27.30
CA VAL B 270 -19.44 5.29 -25.99
C VAL B 270 -18.82 6.16 -24.90
N GLU B 271 -17.56 6.53 -25.10
CA GLU B 271 -16.91 7.43 -24.16
C GLU B 271 -17.75 8.71 -24.03
N LEU B 272 -18.20 9.21 -25.17
CA LEU B 272 -18.94 10.47 -25.22
C LEU B 272 -20.21 10.36 -24.39
N ARG B 273 -21.01 9.34 -24.66
CA ARG B 273 -22.23 9.16 -23.89
C ARG B 273 -21.94 8.95 -22.43
N LEU B 274 -20.90 8.16 -22.12
CA LEU B 274 -20.55 7.96 -20.73
C LEU B 274 -20.22 9.29 -20.05
N ARG B 275 -19.53 10.16 -20.78
CA ARG B 275 -19.15 11.46 -20.24
C ARG B 275 -20.38 12.25 -19.76
N ASN B 276 -21.24 12.61 -20.72
CA ASN B 276 -22.48 13.35 -20.46
C ASN B 276 -23.32 12.76 -19.35
N TYR B 277 -23.57 11.46 -19.40
CA TYR B 277 -24.42 10.89 -18.38
C TYR B 277 -23.83 11.14 -16.99
N TYR B 278 -22.50 11.20 -16.91
CA TYR B 278 -21.81 11.49 -15.66
C TYR B 278 -22.04 12.95 -15.24
N TYR B 279 -21.72 13.89 -16.13
CA TYR B 279 -22.02 15.29 -15.89
C TYR B 279 -23.40 15.48 -15.25
N ASP B 280 -24.40 14.80 -15.82
CA ASP B 280 -25.78 14.84 -15.36
C ASP B 280 -25.98 14.23 -13.96
N VAL B 281 -24.99 13.49 -13.47
CA VAL B 281 -25.05 12.97 -12.11
C VAL B 281 -24.14 13.80 -11.19
N VAL B 282 -23.29 14.64 -11.78
CA VAL B 282 -22.54 15.66 -11.03
C VAL B 282 -23.44 16.86 -10.74
N ASN B 283 -24.56 16.56 -10.09
CA ASN B 283 -25.49 17.51 -9.52
C ASN B 283 -26.68 16.80 -8.86
C01 CG9 C . 22.55 15.12 23.79
C02 CG9 C . 21.80 14.59 25.02
N03 CG9 C . 22.04 13.14 25.16
C04 CG9 C . 23.45 12.73 25.14
C05 CG9 C . 24.16 13.37 23.94
O06 CG9 C . 23.94 14.79 23.87
C07 CG9 C . 21.07 12.37 25.81
C08 CG9 C . 21.40 11.27 26.61
C09 CG9 C . 20.43 10.50 27.24
C10 CG9 C . 19.08 10.80 27.09
N11 CG9 C . 18.15 10.01 27.76
C12 CG9 C . 16.78 10.18 27.79
N13 CG9 C . 16.25 11.18 27.10
C14 CG9 C . 14.87 11.37 27.11
C15 CG9 C . 13.99 10.56 27.76
N16 CG9 C . 14.52 9.51 28.48
C17 CG9 C . 13.93 8.53 29.23
C18 CG9 C . 15.00 7.77 29.69
N19 CG9 C . 16.20 8.25 29.23
C20 CG9 C . 15.87 9.29 28.50
C21 CG9 C . 14.34 12.49 26.32
C22 CG9 C . 15.19 13.57 26.00
C23 CG9 C . 14.72 14.64 25.21
C24 CG9 C . 13.38 14.62 24.78
C25 CG9 C . 12.55 15.47 24.03
N26 CG9 C . 11.30 15.00 23.89
N27 CG9 C . 11.34 13.83 24.56
C28 CG9 C . 12.56 13.56 25.12
C29 CG9 C . 13.00 12.46 25.88
C30 CG9 C . 18.73 11.89 26.30
C31 CG9 C . 19.70 12.66 25.67
C01 CG9 D . -6.74 -8.37 -2.78
C02 CG9 D . -5.79 -7.56 -3.68
N03 CG9 D . -5.14 -8.39 -4.72
C04 CG9 D . -4.85 -9.80 -4.44
C05 CG9 D . -6.00 -10.41 -3.68
O06 CG9 D . -6.19 -9.65 -2.48
C07 CG9 D . -4.53 -7.74 -5.79
C08 CG9 D . -4.16 -6.39 -5.70
C09 CG9 D . -3.56 -5.74 -6.78
C10 CG9 D . -3.33 -6.42 -7.99
N11 CG9 D . -2.72 -5.72 -9.03
C12 CG9 D . -2.30 -6.20 -10.26
N13 CG9 D . -2.61 -7.45 -10.60
C14 CG9 D . -2.19 -7.96 -11.85
C15 CG9 D . -1.50 -7.21 -12.75
N16 CG9 D . -1.18 -5.90 -12.41
C17 CG9 D . -0.50 -4.91 -13.08
C18 CG9 D . -0.51 -3.84 -12.21
N19 CG9 D . -1.18 -4.13 -11.04
C20 CG9 D . -1.56 -5.38 -11.20
C21 CG9 D . -2.57 -9.34 -12.17
C22 CG9 D . -2.89 -10.25 -11.14
C23 CG9 D . -3.31 -11.56 -11.41
C24 CG9 D . -3.39 -11.97 -12.76
C25 CG9 D . -3.76 -13.14 -13.44
N26 CG9 D . -3.68 -13.02 -14.76
N27 CG9 D . -3.27 -11.75 -14.93
C28 CG9 D . -3.09 -11.06 -13.76
C29 CG9 D . -2.68 -9.75 -13.50
C30 CG9 D . -3.70 -7.76 -8.09
C31 CG9 D . -4.30 -8.41 -7.00
#